data_1NQ1
#
_entry.id   1NQ1
#
_cell.length_a   68.839
_cell.length_b   68.839
_cell.length_c   130.530
_cell.angle_alpha   90.00
_cell.angle_beta   90.00
_cell.angle_gamma   120.00
#
_symmetry.space_group_name_H-M   'P 31 2 1'
#
loop_
_entity.id
_entity.type
_entity.pdbx_description
1 polymer 'Thyroid hormone receptor beta-1'
2 non-polymer '[4-(4-HYDROXY-3-IODO-PHENOXY)-3,5-DIIODO-PHENYL]-ACETIC ACID'
3 non-polymer ARSENIC
#
_entity_poly.entity_id   1
_entity_poly.type   'polypeptide(L)'
_entity_poly.pdbx_seq_one_letter_code
;AAMEELQKSIGHKPEPTDEEWELIKTVTEAHVATNAQGSHWKQKQKFLPDDIGQAPIVNAPEGGKVDLEAFSHFTKIITP
AITRVVDFAKKLPMFCELPCEDQIILLKGCCMEIMSLRAAVRYDPESETLTLNGEMAVTRGQLKNGGLGVVSDAIFDLGM
SLSSFNLDDTEVALLQAVLLMSSDRPGLACVERIEKYQDSFLLAFEHYINYRKHHVTHFWPKLLMKVTDLRMIGACHASR
FLHMKVECPTELFPPLFLEVFED
;
_entity_poly.pdbx_strand_id   A
#
loop_
_chem_comp.id
_chem_comp.type
_chem_comp.name
_chem_comp.formula
4HY non-polymer '[4-(4-HYDROXY-3-IODO-PHENOXY)-3,5-DIIODO-PHENYL]-ACETIC ACID' 'C14 H9 I3 O4'
ARS non-polymer ARSENIC As
#
# COMPACT_ATOMS: atom_id res chain seq x y z
N ALA A 1 29.19 -1.88 -7.76
CA ALA A 1 28.18 -1.95 -8.86
C ALA A 1 27.81 -3.41 -9.18
N ALA A 2 28.75 -4.15 -9.77
CA ALA A 2 28.52 -5.55 -10.12
C ALA A 2 29.03 -6.54 -9.06
N MET A 3 29.36 -6.04 -7.87
CA MET A 3 29.79 -6.91 -6.77
C MET A 3 28.53 -7.75 -6.58
N GLU A 4 27.43 -7.16 -7.06
CA GLU A 4 26.10 -7.76 -7.04
C GLU A 4 25.94 -8.55 -8.33
N GLU A 5 25.99 -7.83 -9.47
CA GLU A 5 25.86 -8.47 -10.79
C GLU A 5 26.72 -9.74 -10.93
N LEU A 6 27.86 -9.77 -10.27
CA LEU A 6 28.75 -10.93 -10.31
C LEU A 6 28.29 -11.95 -9.27
N GLN A 7 28.24 -11.50 -8.02
CA GLN A 7 27.82 -12.35 -6.92
C GLN A 7 26.53 -13.07 -7.27
N LYS A 8 25.81 -12.52 -8.23
CA LYS A 8 24.58 -13.11 -8.68
C LYS A 8 24.92 -14.21 -9.66
N SER A 9 25.52 -13.83 -10.79
CA SER A 9 25.92 -14.80 -11.83
C SER A 9 26.44 -16.10 -11.20
N ILE A 10 27.18 -15.98 -10.10
CA ILE A 10 27.68 -17.17 -9.40
C ILE A 10 26.47 -18.03 -9.03
N GLY A 11 25.61 -17.44 -8.19
CA GLY A 11 24.41 -18.10 -7.70
C GLY A 11 24.14 -17.73 -6.25
N HIS A 12 24.99 -16.85 -5.73
CA HIS A 12 24.86 -16.39 -4.36
C HIS A 12 23.60 -15.54 -4.27
N LYS A 13 22.85 -15.73 -3.19
CA LYS A 13 21.62 -14.98 -2.94
C LYS A 13 21.98 -14.14 -1.73
N PRO A 14 22.64 -13.00 -1.96
CA PRO A 14 23.11 -12.05 -0.93
C PRO A 14 22.13 -11.54 0.12
N GLU A 15 22.46 -11.76 1.39
CA GLU A 15 21.64 -11.26 2.48
C GLU A 15 21.83 -9.74 2.48
N PRO A 16 21.16 -9.02 3.40
CA PRO A 16 21.29 -7.55 3.49
C PRO A 16 22.59 -7.06 4.14
N THR A 17 23.23 -6.05 3.54
CA THR A 17 24.48 -5.53 4.10
C THR A 17 24.17 -4.86 5.45
N ASP A 18 25.15 -4.91 6.35
CA ASP A 18 24.99 -4.34 7.68
C ASP A 18 24.22 -3.03 7.69
N GLU A 19 24.54 -2.14 6.74
CA GLU A 19 23.87 -0.85 6.63
C GLU A 19 22.42 -1.02 6.18
N GLU A 20 22.20 -1.84 5.14
CA GLU A 20 20.84 -2.08 4.67
C GLU A 20 19.98 -2.47 5.84
N TRP A 21 20.54 -3.23 6.77
CA TRP A 21 19.77 -3.64 7.93
C TRP A 21 19.26 -2.41 8.67
N GLU A 22 20.09 -1.38 8.75
CA GLU A 22 19.71 -0.16 9.42
C GLU A 22 18.52 0.46 8.68
N LEU A 23 18.58 0.40 7.35
CA LEU A 23 17.52 0.93 6.49
C LEU A 23 16.24 0.10 6.63
N ILE A 24 16.39 -1.22 6.75
CA ILE A 24 15.24 -2.10 6.90
C ILE A 24 14.60 -1.87 8.26
N LYS A 25 15.44 -1.63 9.26
CA LYS A 25 14.99 -1.36 10.62
C LYS A 25 14.11 -0.11 10.61
N THR A 26 14.61 0.93 9.96
CA THR A 26 13.92 2.21 9.82
C THR A 26 12.51 2.04 9.26
N VAL A 27 12.44 1.43 8.08
CA VAL A 27 11.19 1.18 7.37
C VAL A 27 10.22 0.26 8.12
N THR A 28 10.72 -0.81 8.73
CA THR A 28 9.81 -1.70 9.43
C THR A 28 9.25 -1.05 10.70
N GLU A 29 10.03 -0.10 11.22
CA GLU A 29 9.66 0.66 12.41
C GLU A 29 8.50 1.55 11.96
N ALA A 30 8.86 2.51 11.11
CA ALA A 30 7.92 3.47 10.54
C ALA A 30 6.59 2.84 10.07
N HIS A 31 6.64 1.62 9.56
CA HIS A 31 5.42 0.96 9.10
C HIS A 31 4.59 0.55 10.31
N VAL A 32 5.08 -0.41 11.09
CA VAL A 32 4.36 -0.91 12.26
C VAL A 32 3.86 0.21 13.15
N ALA A 33 4.61 1.31 13.20
CA ALA A 33 4.24 2.46 14.01
C ALA A 33 2.99 3.16 13.48
N THR A 34 2.88 3.27 12.15
CA THR A 34 1.75 3.94 11.51
C THR A 34 0.76 2.93 11.02
N ASN A 35 0.66 1.81 11.70
CA ASN A 35 -0.23 0.75 11.25
C ASN A 35 -1.60 0.75 11.92
N ALA A 36 -2.29 -0.40 11.88
CA ALA A 36 -3.66 -0.55 12.41
C ALA A 36 -3.71 -0.83 13.91
N GLN A 37 -4.65 -1.68 14.33
CA GLN A 37 -4.82 -2.04 15.73
C GLN A 37 -3.88 -3.12 16.24
N GLY A 38 -2.91 -3.51 15.41
CA GLY A 38 -1.99 -4.56 15.79
C GLY A 38 -1.80 -5.39 14.53
N SER A 39 -2.30 -6.64 14.52
CA SER A 39 -2.20 -7.54 13.35
C SER A 39 -2.08 -9.05 13.65
N HIS A 40 -3.16 -9.72 14.11
CA HIS A 40 -3.08 -11.16 14.39
C HIS A 40 -4.32 -12.01 14.02
N TRP A 41 -4.11 -13.33 14.02
CA TRP A 41 -5.08 -14.36 13.68
C TRP A 41 -6.07 -14.73 14.79
N LYS A 42 -7.37 -14.57 14.49
CA LYS A 42 -8.49 -14.85 15.40
C LYS A 42 -9.11 -13.70 16.20
N GLN A 43 -10.18 -13.14 15.63
CA GLN A 43 -10.97 -12.07 16.25
C GLN A 43 -10.40 -10.69 16.59
N LYS A 44 -11.17 -9.67 16.20
CA LYS A 44 -10.86 -8.25 16.42
C LYS A 44 -11.83 -7.38 15.60
N GLN A 45 -12.06 -7.82 14.36
CA GLN A 45 -12.92 -7.14 13.39
C GLN A 45 -14.32 -6.71 13.86
N LYS A 46 -14.79 -5.58 13.35
CA LYS A 46 -16.13 -5.10 13.72
C LYS A 46 -16.96 -5.26 12.45
N PHE A 47 -17.34 -6.50 12.14
CA PHE A 47 -18.12 -6.78 10.92
C PHE A 47 -19.18 -5.74 10.57
N LEU A 48 -18.99 -5.07 9.44
CA LEU A 48 -19.94 -4.05 8.99
C LEU A 48 -21.35 -4.64 8.80
N PRO A 49 -22.38 -3.96 9.35
CA PRO A 49 -23.75 -4.49 9.20
C PRO A 49 -23.97 -5.01 7.78
N ASP A 50 -24.47 -6.23 7.67
CA ASP A 50 -24.71 -6.88 6.38
C ASP A 50 -25.71 -6.16 5.47
N ASP A 51 -26.53 -5.28 6.04
CA ASP A 51 -27.53 -4.54 5.26
C ASP A 51 -26.97 -3.29 4.61
N ILE A 52 -25.67 -3.06 4.85
CA ILE A 52 -24.96 -1.92 4.30
C ILE A 52 -24.39 -2.38 2.96
N GLY A 53 -24.49 -1.55 1.93
CA GLY A 53 -23.95 -1.93 0.62
C GLY A 53 -24.47 -3.25 0.08
N GLN A 54 -25.46 -3.20 -0.81
CA GLN A 54 -26.03 -4.41 -1.39
C GLN A 54 -26.48 -4.21 -2.83
N LYS A 65 -25.38 1.73 -9.22
CA LYS A 65 -25.35 3.01 -8.53
C LYS A 65 -24.36 2.97 -7.35
N VAL A 66 -24.58 3.80 -6.34
CA VAL A 66 -23.69 3.85 -5.18
C VAL A 66 -24.47 3.78 -3.86
N ASP A 67 -24.25 2.74 -3.08
CA ASP A 67 -24.94 2.63 -1.79
C ASP A 67 -24.36 3.67 -0.84
N LEU A 68 -24.92 4.87 -0.88
CA LEU A 68 -24.48 5.99 -0.05
C LEU A 68 -24.34 5.65 1.43
N GLU A 69 -25.02 4.59 1.87
CA GLU A 69 -24.97 4.17 3.26
C GLU A 69 -23.57 3.67 3.59
N ALA A 70 -23.05 2.80 2.71
CA ALA A 70 -21.72 2.25 2.86
C ALA A 70 -20.71 3.36 2.67
N PHE A 71 -20.73 3.99 1.49
CA PHE A 71 -19.82 5.07 1.16
C PHE A 71 -19.56 6.01 2.33
N SER A 72 -20.59 6.21 3.14
CA SER A 72 -20.47 7.10 4.29
C SER A 72 -19.52 6.48 5.30
N HIS A 73 -19.83 5.26 5.71
CA HIS A 73 -19.01 4.52 6.67
C HIS A 73 -17.53 4.62 6.28
N PHE A 74 -17.23 4.31 5.02
CA PHE A 74 -15.85 4.37 4.53
C PHE A 74 -15.29 5.76 4.72
N THR A 75 -15.66 6.69 3.83
CA THR A 75 -15.20 8.07 3.91
C THR A 75 -15.15 8.59 5.35
N LYS A 76 -15.92 7.94 6.22
CA LYS A 76 -15.96 8.30 7.63
C LYS A 76 -14.57 8.07 8.24
N ILE A 77 -14.06 6.85 8.10
CA ILE A 77 -12.75 6.49 8.62
C ILE A 77 -11.63 6.60 7.60
N ILE A 78 -11.83 7.42 6.57
CA ILE A 78 -10.83 7.59 5.53
C ILE A 78 -9.75 8.60 5.86
N THR A 79 -10.07 9.61 6.66
CA THR A 79 -9.07 10.63 6.98
C THR A 79 -8.00 10.02 7.87
N PRO A 80 -8.39 9.08 8.77
CA PRO A 80 -7.37 8.49 9.63
C PRO A 80 -6.34 7.72 8.79
N ALA A 81 -6.83 6.83 7.94
CA ALA A 81 -6.00 6.04 7.06
C ALA A 81 -5.05 6.98 6.28
N ILE A 82 -5.60 7.92 5.54
CA ILE A 82 -4.78 8.85 4.78
C ILE A 82 -3.73 9.55 5.62
N THR A 83 -3.94 9.61 6.92
CA THR A 83 -2.96 10.28 7.73
C THR A 83 -1.83 9.34 8.08
N ARG A 84 -2.16 8.08 8.41
CA ARG A 84 -1.14 7.10 8.74
C ARG A 84 -0.17 6.93 7.56
N VAL A 85 -0.65 7.08 6.33
CA VAL A 85 0.21 6.98 5.17
C VAL A 85 1.22 8.12 5.21
N VAL A 86 0.74 9.31 5.54
CA VAL A 86 1.61 10.49 5.61
C VAL A 86 2.55 10.40 6.80
N ASP A 87 2.16 9.62 7.81
CA ASP A 87 2.98 9.45 9.00
C ASP A 87 4.14 8.55 8.64
N PHE A 88 3.82 7.46 7.94
CA PHE A 88 4.82 6.51 7.49
C PHE A 88 5.86 7.28 6.68
N ALA A 89 5.43 7.91 5.60
CA ALA A 89 6.33 8.66 4.75
C ALA A 89 7.19 9.64 5.52
N LYS A 90 6.65 10.19 6.61
CA LYS A 90 7.36 11.16 7.45
C LYS A 90 8.54 10.52 8.19
N LYS A 91 8.36 9.27 8.58
CA LYS A 91 9.39 8.53 9.31
C LYS A 91 10.53 7.96 8.46
N LEU A 92 10.52 8.25 7.16
CA LEU A 92 11.57 7.78 6.25
C LEU A 92 12.42 9.00 5.90
N PRO A 93 13.62 9.08 6.48
CA PRO A 93 14.61 10.16 6.31
C PRO A 93 14.77 10.64 4.88
N MET A 94 14.87 9.70 3.97
CA MET A 94 15.03 10.03 2.57
C MET A 94 13.88 10.91 2.09
N PHE A 95 12.69 10.61 2.60
CA PHE A 95 11.51 11.38 2.25
C PHE A 95 11.73 12.84 2.64
N CYS A 96 12.03 13.06 3.93
CA CYS A 96 12.27 14.39 4.48
C CYS A 96 13.29 15.16 3.66
N GLU A 97 14.24 14.44 3.08
CA GLU A 97 15.27 15.07 2.27
C GLU A 97 14.73 15.64 0.96
N LEU A 98 13.44 15.45 0.71
CA LEU A 98 12.84 15.94 -0.51
C LEU A 98 12.05 17.23 -0.38
N PRO A 99 12.11 18.09 -1.41
CA PRO A 99 11.39 19.38 -1.44
C PRO A 99 9.91 19.17 -1.13
N CYS A 100 9.35 20.02 -0.26
CA CYS A 100 7.93 19.91 0.10
C CYS A 100 7.04 19.68 -1.14
N GLU A 101 7.39 20.32 -2.25
CA GLU A 101 6.61 20.17 -3.48
C GLU A 101 6.49 18.70 -3.82
N ASP A 102 7.65 18.06 -3.99
CA ASP A 102 7.75 16.64 -4.33
C ASP A 102 7.15 15.70 -3.29
N GLN A 103 7.33 16.03 -2.01
CA GLN A 103 6.79 15.21 -0.95
C GLN A 103 5.27 15.11 -1.08
N ILE A 104 4.68 16.09 -1.72
CA ILE A 104 3.23 16.14 -1.91
C ILE A 104 2.83 15.36 -3.15
N ILE A 105 3.63 15.47 -4.21
CA ILE A 105 3.36 14.75 -5.45
C ILE A 105 3.51 13.24 -5.20
N LEU A 106 4.47 12.87 -4.36
CA LEU A 106 4.73 11.48 -4.02
C LEU A 106 3.60 10.86 -3.22
N LEU A 107 3.20 11.54 -2.17
CA LEU A 107 2.12 11.07 -1.29
C LEU A 107 0.77 10.96 -1.95
N LYS A 108 0.50 11.90 -2.83
CA LYS A 108 -0.78 11.91 -3.52
C LYS A 108 -0.80 10.78 -4.54
N GLY A 109 0.39 10.39 -4.99
CA GLY A 109 0.48 9.31 -5.97
C GLY A 109 0.36 7.94 -5.35
N CYS A 110 1.20 7.68 -4.37
CA CYS A 110 1.22 6.39 -3.71
C CYS A 110 0.21 6.22 -2.61
N CYS A 111 -0.61 7.23 -2.35
CA CYS A 111 -1.54 7.09 -1.23
C CYS A 111 -2.55 5.94 -1.33
N MET A 112 -3.23 5.84 -2.45
CA MET A 112 -4.19 4.74 -2.58
C MET A 112 -3.46 3.40 -2.75
N GLU A 113 -2.27 3.45 -3.35
CA GLU A 113 -1.45 2.26 -3.57
C GLU A 113 -1.10 1.62 -2.22
N ILE A 114 -0.53 2.40 -1.32
CA ILE A 114 -0.19 1.92 0.01
C ILE A 114 -1.46 1.54 0.80
N MET A 115 -2.56 2.26 0.55
CA MET A 115 -3.81 1.95 1.25
C MET A 115 -4.41 0.64 0.81
N SER A 116 -4.35 0.35 -0.48
CA SER A 116 -4.89 -0.91 -1.01
C SER A 116 -4.03 -2.07 -0.50
N LEU A 117 -2.72 -1.85 -0.45
CA LEU A 117 -1.80 -2.86 0.05
C LEU A 117 -2.18 -3.27 1.48
N ARG A 118 -2.20 -2.28 2.37
CA ARG A 118 -2.55 -2.50 3.77
C ARG A 118 -3.90 -3.17 3.98
N ALA A 119 -4.87 -2.81 3.14
CA ALA A 119 -6.18 -3.39 3.27
C ALA A 119 -6.16 -4.80 2.69
N ALA A 120 -5.30 -5.00 1.69
CA ALA A 120 -5.18 -6.31 1.02
C ALA A 120 -4.48 -7.35 1.89
N VAL A 121 -3.51 -6.90 2.68
CA VAL A 121 -2.76 -7.79 3.56
C VAL A 121 -3.52 -8.02 4.86
N ARG A 122 -4.81 -7.69 4.86
CA ARG A 122 -5.65 -7.90 6.03
C ARG A 122 -6.82 -8.72 5.53
N TYR A 123 -6.56 -9.55 4.55
CA TYR A 123 -7.63 -10.37 3.99
C TYR A 123 -7.78 -11.68 4.72
N ASP A 124 -8.97 -11.91 5.27
CA ASP A 124 -9.27 -13.16 5.97
C ASP A 124 -10.03 -14.10 5.03
N PRO A 125 -9.37 -15.17 4.58
CA PRO A 125 -10.00 -16.14 3.67
C PRO A 125 -11.24 -16.83 4.23
N GLU A 126 -11.28 -16.98 5.55
CA GLU A 126 -12.41 -17.63 6.23
C GLU A 126 -13.69 -16.81 6.03
N SER A 127 -13.71 -15.60 6.60
CA SER A 127 -14.86 -14.74 6.45
C SER A 127 -14.85 -14.05 5.09
N GLU A 128 -13.76 -14.20 4.35
CA GLU A 128 -13.62 -13.56 3.03
C GLU A 128 -13.80 -12.05 3.10
N THR A 129 -13.17 -11.45 4.10
CA THR A 129 -13.27 -10.03 4.31
C THR A 129 -11.94 -9.35 4.63
N LEU A 130 -11.85 -8.08 4.23
CA LEU A 130 -10.69 -7.26 4.47
C LEU A 130 -11.05 -6.46 5.69
N THR A 131 -10.06 -5.81 6.27
CA THR A 131 -10.29 -5.01 7.44
C THR A 131 -9.67 -3.63 7.21
N LEU A 132 -10.52 -2.65 6.95
CA LEU A 132 -10.04 -1.30 6.70
C LEU A 132 -9.64 -0.60 8.01
N ASN A 133 -8.52 0.12 7.97
CA ASN A 133 -8.02 0.85 9.13
C ASN A 133 -7.88 -0.08 10.34
N GLY A 134 -7.92 -1.38 10.05
CA GLY A 134 -7.77 -2.38 11.09
C GLY A 134 -8.96 -2.49 12.01
N GLU A 135 -10.07 -1.86 11.63
CA GLU A 135 -11.28 -1.86 12.44
C GLU A 135 -12.46 -2.46 11.69
N MET A 136 -12.93 -1.73 10.69
CA MET A 136 -14.07 -2.14 9.87
C MET A 136 -13.81 -3.25 8.83
N ALA A 137 -14.53 -4.36 8.97
CA ALA A 137 -14.43 -5.46 8.02
C ALA A 137 -15.49 -5.15 6.94
N VAL A 138 -15.19 -5.48 5.69
CA VAL A 138 -16.11 -5.23 4.59
C VAL A 138 -16.02 -6.40 3.63
N THR A 139 -17.05 -6.62 2.82
CA THR A 139 -17.00 -7.72 1.87
C THR A 139 -16.70 -7.15 0.50
N ARG A 140 -16.57 -8.02 -0.49
CA ARG A 140 -16.29 -7.53 -1.82
C ARG A 140 -17.38 -6.56 -2.28
N GLY A 141 -18.62 -7.02 -2.26
CA GLY A 141 -19.73 -6.18 -2.68
C GLY A 141 -19.99 -4.98 -1.78
N GLN A 142 -19.60 -5.06 -0.51
CA GLN A 142 -19.83 -3.92 0.36
C GLN A 142 -18.90 -2.80 -0.08
N LEU A 143 -17.63 -3.15 -0.25
CA LEU A 143 -16.62 -2.18 -0.66
C LEU A 143 -16.94 -1.75 -2.09
N LYS A 144 -17.38 -2.70 -2.89
CA LYS A 144 -17.72 -2.43 -4.28
C LYS A 144 -18.86 -1.41 -4.40
N ASN A 145 -19.98 -1.69 -3.73
CA ASN A 145 -21.15 -0.82 -3.76
C ASN A 145 -20.96 0.44 -2.95
N GLY A 146 -19.94 0.45 -2.10
CA GLY A 146 -19.68 1.62 -1.29
C GLY A 146 -18.86 2.65 -2.06
N GLY A 147 -18.86 2.53 -3.39
CA GLY A 147 -18.13 3.49 -4.21
C GLY A 147 -16.80 3.12 -4.87
N LEU A 148 -16.35 1.87 -4.72
CA LEU A 148 -15.08 1.49 -5.34
C LEU A 148 -15.27 0.66 -6.60
N GLY A 149 -16.48 0.14 -6.77
CA GLY A 149 -16.75 -0.65 -7.95
C GLY A 149 -15.76 -1.78 -8.19
N VAL A 150 -15.39 -1.98 -9.44
CA VAL A 150 -14.46 -3.04 -9.78
C VAL A 150 -13.12 -2.90 -9.04
N VAL A 151 -12.89 -1.81 -8.34
CA VAL A 151 -11.63 -1.64 -7.61
C VAL A 151 -11.63 -2.55 -6.38
N SER A 152 -12.83 -2.95 -5.95
CA SER A 152 -12.95 -3.83 -4.81
C SER A 152 -12.44 -5.20 -5.18
N ASP A 153 -12.83 -5.68 -6.36
CA ASP A 153 -12.42 -6.98 -6.87
C ASP A 153 -10.92 -7.00 -7.03
N ALA A 154 -10.37 -5.85 -7.41
CA ALA A 154 -8.95 -5.74 -7.59
C ALA A 154 -8.25 -6.04 -6.25
N ILE A 155 -8.60 -5.28 -5.23
CA ILE A 155 -7.99 -5.47 -3.93
C ILE A 155 -8.28 -6.84 -3.35
N PHE A 156 -9.54 -7.27 -3.39
CA PHE A 156 -9.86 -8.58 -2.86
C PHE A 156 -9.07 -9.64 -3.59
N ASP A 157 -9.02 -9.57 -4.91
CA ASP A 157 -8.27 -10.56 -5.64
C ASP A 157 -6.79 -10.50 -5.25
N LEU A 158 -6.30 -9.32 -4.90
CA LEU A 158 -4.91 -9.19 -4.52
C LEU A 158 -4.73 -9.89 -3.20
N GLY A 159 -5.45 -9.42 -2.19
CA GLY A 159 -5.35 -10.02 -0.86
C GLY A 159 -5.32 -11.54 -0.91
N MET A 160 -6.16 -12.14 -1.75
CA MET A 160 -6.20 -13.59 -1.87
C MET A 160 -4.88 -14.08 -2.38
N SER A 161 -4.34 -13.39 -3.37
CA SER A 161 -3.08 -13.77 -3.96
C SER A 161 -1.91 -13.61 -2.97
N LEU A 162 -1.95 -12.56 -2.17
CA LEU A 162 -0.90 -12.32 -1.19
C LEU A 162 -0.96 -13.29 -0.02
N SER A 163 -1.95 -14.17 -0.02
CA SER A 163 -2.10 -15.17 1.03
C SER A 163 -0.87 -16.05 1.04
N SER A 164 -0.50 -16.49 -0.15
CA SER A 164 0.64 -17.37 -0.36
C SER A 164 2.03 -16.77 -0.11
N PHE A 165 2.19 -15.47 -0.30
CA PHE A 165 3.51 -14.88 -0.11
C PHE A 165 3.84 -14.78 1.37
N ASN A 166 2.83 -14.94 2.21
CA ASN A 166 3.01 -14.88 3.66
C ASN A 166 3.96 -13.77 4.05
N LEU A 167 3.74 -12.58 3.50
CA LEU A 167 4.59 -11.42 3.78
C LEU A 167 4.68 -11.13 5.27
N ASP A 168 5.61 -10.25 5.64
CA ASP A 168 5.78 -9.86 7.03
C ASP A 168 5.81 -8.32 7.05
N ASP A 169 5.88 -7.71 8.23
CA ASP A 169 5.89 -6.25 8.28
C ASP A 169 6.97 -5.61 7.42
N THR A 170 8.21 -6.09 7.55
CA THR A 170 9.30 -5.53 6.78
C THR A 170 9.06 -5.58 5.28
N GLU A 171 8.53 -6.70 4.79
CA GLU A 171 8.27 -6.84 3.36
C GLU A 171 7.16 -5.91 2.92
N VAL A 172 6.12 -5.83 3.74
CA VAL A 172 5.02 -4.93 3.44
C VAL A 172 5.50 -3.50 3.70
N ALA A 173 6.50 -3.35 4.56
CA ALA A 173 7.00 -2.03 4.88
C ALA A 173 7.89 -1.54 3.77
N LEU A 174 8.71 -2.44 3.22
CA LEU A 174 9.62 -2.08 2.14
C LEU A 174 8.81 -1.79 0.88
N LEU A 175 7.88 -2.69 0.60
CA LEU A 175 6.98 -2.61 -0.54
C LEU A 175 6.36 -1.21 -0.62
N GLN A 176 5.90 -0.71 0.52
CA GLN A 176 5.29 0.61 0.59
C GLN A 176 6.32 1.67 0.26
N ALA A 177 7.57 1.46 0.65
CA ALA A 177 8.62 2.43 0.37
C ALA A 177 8.89 2.45 -1.12
N VAL A 178 8.76 1.29 -1.76
CA VAL A 178 8.96 1.20 -3.20
C VAL A 178 7.79 1.91 -3.89
N LEU A 179 6.59 1.76 -3.36
CA LEU A 179 5.45 2.44 -3.96
C LEU A 179 5.61 3.94 -3.79
N LEU A 180 6.22 4.36 -2.69
CA LEU A 180 6.42 5.79 -2.38
C LEU A 180 7.42 6.53 -3.28
N MET A 181 8.61 5.97 -3.46
CA MET A 181 9.65 6.59 -4.29
C MET A 181 9.46 6.37 -5.79
N SER A 182 8.23 6.51 -6.27
CA SER A 182 7.96 6.31 -7.68
C SER A 182 8.35 7.59 -8.38
N SER A 183 9.58 7.63 -8.91
CA SER A 183 10.08 8.83 -9.57
C SER A 183 9.38 9.21 -10.87
N ASP A 184 8.35 8.48 -11.25
CA ASP A 184 7.64 8.79 -12.48
C ASP A 184 6.39 9.63 -12.26
N ARG A 185 6.14 10.03 -11.03
CA ARG A 185 4.96 10.86 -10.74
C ARG A 185 5.13 12.16 -11.51
N PRO A 186 4.06 12.60 -12.18
CA PRO A 186 4.10 13.84 -12.95
C PRO A 186 4.42 15.05 -12.11
N GLY A 187 5.35 15.87 -12.60
CA GLY A 187 5.71 17.08 -11.92
C GLY A 187 6.89 17.00 -10.97
N LEU A 188 7.32 15.80 -10.62
CA LEU A 188 8.45 15.69 -9.71
C LEU A 188 9.59 16.57 -10.14
N ALA A 189 10.25 17.18 -9.18
CA ALA A 189 11.38 18.05 -9.46
C ALA A 189 12.66 17.23 -9.30
N CYS A 190 12.92 16.77 -8.08
CA CYS A 190 14.11 15.97 -7.82
C CYS A 190 13.81 14.50 -8.16
N VAL A 191 13.81 14.22 -9.47
CA VAL A 191 13.54 12.89 -10.03
C VAL A 191 14.69 11.90 -9.90
N GLU A 192 15.92 12.39 -10.00
CA GLU A 192 17.06 11.51 -9.88
C GLU A 192 17.18 11.02 -8.43
N ARG A 193 17.27 11.95 -7.49
CA ARG A 193 17.43 11.59 -6.07
C ARG A 193 16.35 10.65 -5.54
N ILE A 194 15.30 10.46 -6.33
CA ILE A 194 14.22 9.58 -5.94
C ILE A 194 14.50 8.16 -6.45
N GLU A 195 14.97 8.05 -7.70
CA GLU A 195 15.31 6.73 -8.24
C GLU A 195 16.43 6.17 -7.36
N LYS A 196 17.38 7.00 -7.00
CA LYS A 196 18.45 6.54 -6.14
C LYS A 196 17.88 5.90 -4.87
N TYR A 197 16.86 6.51 -4.28
CA TYR A 197 16.28 5.96 -3.04
C TYR A 197 15.43 4.72 -3.26
N GLN A 198 14.68 4.70 -4.35
CA GLN A 198 13.82 3.55 -4.60
C GLN A 198 14.71 2.34 -4.82
N ASP A 199 15.75 2.53 -5.62
CA ASP A 199 16.67 1.43 -5.91
C ASP A 199 17.33 0.97 -4.62
N SER A 200 17.69 1.94 -3.80
CA SER A 200 18.29 1.62 -2.51
C SER A 200 17.36 0.66 -1.77
N PHE A 201 16.06 0.89 -1.90
CA PHE A 201 15.01 0.08 -1.26
C PHE A 201 14.80 -1.28 -1.93
N LEU A 202 14.59 -1.25 -3.24
CA LEU A 202 14.38 -2.45 -4.03
C LEU A 202 15.50 -3.41 -3.73
N LEU A 203 16.69 -2.85 -3.46
CA LEU A 203 17.85 -3.67 -3.15
C LEU A 203 17.79 -4.23 -1.74
N ALA A 204 17.67 -3.37 -0.75
CA ALA A 204 17.59 -3.87 0.62
C ALA A 204 16.41 -4.85 0.68
N PHE A 205 15.42 -4.61 -0.16
CA PHE A 205 14.22 -5.43 -0.21
C PHE A 205 14.56 -6.81 -0.75
N GLU A 206 15.19 -6.86 -1.93
CA GLU A 206 15.58 -8.14 -2.52
C GLU A 206 16.46 -8.94 -1.58
N HIS A 207 17.43 -8.27 -0.95
CA HIS A 207 18.31 -8.94 -0.02
C HIS A 207 17.53 -9.56 1.13
N TYR A 208 16.59 -8.80 1.68
CA TYR A 208 15.77 -9.26 2.80
C TYR A 208 14.97 -10.50 2.42
N ILE A 209 14.60 -10.58 1.16
CA ILE A 209 13.84 -11.72 0.69
C ILE A 209 14.70 -12.99 0.55
N ASN A 210 16.00 -12.78 0.29
CA ASN A 210 16.95 -13.89 0.17
C ASN A 210 17.11 -14.41 1.58
N TYR A 211 17.45 -13.50 2.46
CA TYR A 211 17.63 -13.81 3.87
C TYR A 211 16.44 -14.56 4.47
N ARG A 212 15.23 -14.25 3.99
CA ARG A 212 14.00 -14.87 4.48
C ARG A 212 13.75 -16.17 3.70
N LYS A 213 14.27 -16.23 2.49
CA LYS A 213 14.08 -17.37 1.61
C LYS A 213 12.74 -18.06 1.80
N HIS A 214 11.78 -17.59 1.02
CA HIS A 214 10.42 -18.14 1.00
C HIS A 214 10.56 -19.35 0.08
N HIS A 215 9.68 -20.32 0.23
CA HIS A 215 9.78 -21.47 -0.64
C HIS A 215 8.74 -21.35 -1.73
N VAL A 216 8.97 -20.36 -2.57
CA VAL A 216 8.13 -20.02 -3.71
C VAL A 216 9.07 -19.73 -4.86
N THR A 217 8.86 -20.40 -5.98
CA THR A 217 9.73 -20.18 -7.12
C THR A 217 9.54 -18.79 -7.70
N HIS A 218 10.64 -18.11 -8.04
CA HIS A 218 10.56 -16.78 -8.63
C HIS A 218 9.89 -15.77 -7.72
N PHE A 219 10.03 -15.93 -6.41
CA PHE A 219 9.40 -15.01 -5.48
C PHE A 219 9.52 -13.54 -5.86
N TRP A 220 10.74 -13.02 -5.86
CA TRP A 220 10.97 -11.62 -6.22
C TRP A 220 10.31 -11.18 -7.53
N PRO A 221 10.51 -11.93 -8.60
CA PRO A 221 9.85 -11.46 -9.84
C PRO A 221 8.34 -11.39 -9.65
N LYS A 222 7.81 -12.27 -8.82
CA LYS A 222 6.37 -12.30 -8.58
C LYS A 222 5.96 -11.14 -7.69
N LEU A 223 6.79 -10.84 -6.70
CA LEU A 223 6.49 -9.75 -5.80
C LEU A 223 6.60 -8.39 -6.48
N LEU A 224 7.34 -8.30 -7.59
CA LEU A 224 7.47 -7.04 -8.32
C LEU A 224 6.25 -6.89 -9.20
N MET A 225 5.68 -8.01 -9.61
CA MET A 225 4.51 -7.96 -10.44
C MET A 225 3.36 -7.45 -9.59
N LYS A 226 3.54 -7.47 -8.27
CA LYS A 226 2.50 -6.96 -7.37
C LYS A 226 2.61 -5.45 -7.35
N VAL A 227 3.84 -4.93 -7.32
CA VAL A 227 3.99 -3.49 -7.34
C VAL A 227 3.14 -2.96 -8.49
N THR A 228 3.25 -3.59 -9.65
CA THR A 228 2.46 -3.15 -10.80
C THR A 228 0.97 -3.25 -10.56
N ASP A 229 0.50 -4.34 -9.96
CA ASP A 229 -0.93 -4.45 -9.72
C ASP A 229 -1.39 -3.36 -8.76
N LEU A 230 -0.60 -3.06 -7.75
CA LEU A 230 -0.94 -2.01 -6.80
C LEU A 230 -1.00 -0.68 -7.53
N ARG A 231 -0.09 -0.47 -8.48
CA ARG A 231 -0.11 0.76 -9.23
C ARG A 231 -1.38 0.84 -10.06
N MET A 232 -1.87 -0.31 -10.49
CA MET A 232 -3.09 -0.34 -11.29
C MET A 232 -4.34 -0.11 -10.45
N ILE A 233 -4.26 -0.46 -9.17
CA ILE A 233 -5.39 -0.25 -8.28
C ILE A 233 -5.38 1.26 -8.06
N GLY A 234 -4.19 1.83 -7.92
CA GLY A 234 -4.09 3.26 -7.71
C GLY A 234 -4.79 4.03 -8.83
N ALA A 235 -4.31 3.84 -10.06
CA ALA A 235 -4.84 4.51 -11.23
C ALA A 235 -6.33 4.27 -11.45
N CYS A 236 -6.77 3.07 -11.15
CA CYS A 236 -8.16 2.73 -11.33
C CYS A 236 -9.00 3.47 -10.31
N HIS A 237 -8.40 3.78 -9.17
CA HIS A 237 -9.12 4.50 -8.12
C HIS A 237 -9.33 5.93 -8.56
N ALA A 238 -8.31 6.55 -9.12
CA ALA A 238 -8.45 7.92 -9.60
C ALA A 238 -9.73 8.04 -10.46
N SER A 239 -9.91 7.13 -11.41
CA SER A 239 -11.08 7.16 -12.28
C SER A 239 -12.32 6.92 -11.45
N ARG A 240 -12.25 6.01 -10.49
CA ARG A 240 -13.42 5.77 -9.66
C ARG A 240 -13.76 6.99 -8.79
N PHE A 241 -12.76 7.84 -8.55
CA PHE A 241 -12.97 9.03 -7.73
C PHE A 241 -13.83 10.00 -8.49
N LEU A 242 -13.67 10.02 -9.81
CA LEU A 242 -14.48 10.86 -10.65
C LEU A 242 -15.90 10.32 -10.53
N HIS A 243 -16.14 9.13 -11.04
CA HIS A 243 -17.47 8.55 -10.94
C HIS A 243 -18.11 8.76 -9.55
N MET A 244 -17.30 8.91 -8.51
CA MET A 244 -17.82 9.11 -7.16
C MET A 244 -18.22 10.56 -6.93
N LYS A 245 -17.41 11.48 -7.44
CA LYS A 245 -17.71 12.90 -7.32
C LYS A 245 -19.13 13.12 -7.84
N VAL A 246 -19.33 12.78 -9.11
CA VAL A 246 -20.62 12.93 -9.75
C VAL A 246 -21.78 12.18 -9.06
N GLU A 247 -21.60 10.89 -8.78
CA GLU A 247 -22.66 10.10 -8.14
C GLU A 247 -22.99 10.51 -6.71
N CYS A 248 -22.08 10.30 -5.77
CA CYS A 248 -22.31 10.68 -4.37
C CYS A 248 -22.33 12.21 -4.23
N PRO A 249 -22.84 12.75 -3.10
CA PRO A 249 -22.92 14.20 -2.87
C PRO A 249 -21.57 14.88 -2.89
N THR A 250 -21.57 16.15 -2.52
CA THR A 250 -20.33 16.91 -2.50
C THR A 250 -20.01 17.25 -1.07
N GLU A 251 -20.85 16.76 -0.16
CA GLU A 251 -20.67 17.04 1.26
C GLU A 251 -20.03 15.90 2.02
N LEU A 252 -20.22 14.67 1.55
CA LEU A 252 -19.64 13.51 2.24
C LEU A 252 -18.18 13.22 1.86
N PHE A 253 -17.48 14.26 1.43
CA PHE A 253 -16.09 14.10 1.01
C PHE A 253 -15.08 14.78 1.90
N PRO A 254 -14.60 14.08 2.95
CA PRO A 254 -13.61 14.68 3.85
C PRO A 254 -12.66 15.61 3.10
N PRO A 255 -12.17 16.65 3.78
CA PRO A 255 -11.26 17.64 3.17
C PRO A 255 -9.95 17.05 2.67
N LEU A 256 -9.25 16.33 3.55
CA LEU A 256 -7.97 15.68 3.21
C LEU A 256 -8.24 14.77 2.03
N PHE A 257 -9.17 13.86 2.22
CA PHE A 257 -9.56 12.91 1.19
C PHE A 257 -9.63 13.61 -0.16
N LEU A 258 -10.26 14.76 -0.18
CA LEU A 258 -10.42 15.52 -1.39
C LEU A 258 -9.14 16.13 -1.98
N GLU A 259 -8.33 16.77 -1.16
CA GLU A 259 -7.11 17.40 -1.68
C GLU A 259 -6.20 16.37 -2.31
N VAL A 260 -6.02 15.27 -1.59
CA VAL A 260 -5.19 14.17 -2.03
C VAL A 260 -5.59 13.58 -3.39
N PHE A 261 -6.89 13.43 -3.59
CA PHE A 261 -7.38 12.83 -4.82
C PHE A 261 -7.93 13.65 -5.98
N GLU A 262 -7.57 14.92 -6.08
CA GLU A 262 -8.04 15.67 -7.23
C GLU A 262 -6.95 15.39 -8.30
N ASP A 263 -6.24 14.27 -8.07
CA ASP A 263 -5.15 13.72 -8.90
C ASP A 263 -4.20 12.90 -8.00
C1 4HY B . -7.60 1.69 3.59
C2 4HY B . -11.44 3.16 0.57
C3 4HY B . -8.67 2.51 4.12
C4 4HY B . -12.73 3.46 0.26
C5 4HY B . -9.90 2.59 3.42
C6 4HY B . -13.05 4.49 -0.59
C7 4HY B . -10.10 1.90 2.23
C8 4HY B . -12.02 5.30 -1.17
C9 4HY B . -9.04 1.08 1.74
C10 4HY B . -10.66 5.02 -0.85
C11 4HY B . -7.78 1.00 2.45
C12 4HY B . -10.37 3.95 0.02
C13 4HY B . -6.28 1.64 4.27
C14 4HY B . -6.22 0.79 5.59
I1 4HY B . -11.54 3.70 4.19
I2 4HY B . -15.02 4.83 -1.04
I3 4HY B . -9.33 -0.09 0.00
O3 4HY B . -5.47 1.22 6.49
O2 4HY B . -11.26 2.08 1.45
O1 4HY B . -12.37 6.36 -2.03
O4 4HY B . -6.92 -0.26 5.62
AS ARS C . -11.64 1.94 -13.69
AS ARS D . -9.22 -3.28 -13.83
#